data_9MXY
#
_entry.id   9MXY
#
_cell.length_a   57.079
_cell.length_b   40.828
_cell.length_c   83.560
_cell.angle_alpha   90.000
_cell.angle_beta   104.314
_cell.angle_gamma   90.000
#
_symmetry.space_group_name_H-M   'P 1 21 1'
#
loop_
_entity.id
_entity.type
_entity.pdbx_description
1 polymer 'Cyclohexyl-isocyanide hydratase'
2 non-polymer 'CHLORIDE ION'
3 water water
#
_entity_poly.entity_id   1
_entity_poly.type   'polypeptide(L)'
_entity_poly.pdbx_seq_one_letter_code
;GSHMAVQIGFLLFPEVQQLNLTGPHDVLASLPDVQVHLIWKEPGPVVASSGLVLQATTSFADCPPLDVICIPGGTGVGAL
MEDPQALAFIRQQAARARYVTSVCTGSLVLGAAGLLQGKRATTHWAYHELLAPLGAIPVHERVVRDGNLLTGGGITAGID
FALTLAAELFDAATAQRVQLQLEYAPAPPFNAGSPDTAPASVVQQARQRAADSLHKRREITLRAAARLAAG
;
_entity_poly.pdbx_strand_id   A,B
#
loop_
_chem_comp.id
_chem_comp.type
_chem_comp.name
_chem_comp.formula
CL non-polymer 'CHLORIDE ION' 'Cl -1'
#
# COMPACT_ATOMS: atom_id res chain seq x y z
N MET A 4 -5.17 2.45 27.40
CA MET A 4 -6.53 2.26 26.80
C MET A 4 -6.47 2.39 25.27
N ALA A 5 -5.39 2.94 24.77
CA ALA A 5 -5.16 2.90 23.33
C ALA A 5 -4.82 1.48 22.90
N VAL A 6 -5.27 1.12 21.71
CA VAL A 6 -4.88 -0.15 21.10
C VAL A 6 -3.49 0.02 20.49
N GLN A 7 -2.55 -0.82 20.92
CA GLN A 7 -1.16 -0.74 20.46
C GLN A 7 -0.98 -1.71 19.30
N ILE A 8 -0.61 -1.18 18.14
CA ILE A 8 -0.50 -1.96 16.91
C ILE A 8 0.93 -1.85 16.41
N GLY A 9 1.59 -2.98 16.17
CA GLY A 9 2.97 -2.96 15.75
C GLY A 9 3.24 -3.78 14.51
N PHE A 10 3.99 -3.19 13.58
CA PHE A 10 4.49 -3.86 12.39
C PHE A 10 5.99 -4.05 12.54
N LEU A 11 6.48 -5.25 12.21
N LEU A 11 6.47 -5.26 12.28
CA LEU A 11 7.93 -5.50 12.17
CA LEU A 11 7.90 -5.47 12.17
C LEU A 11 8.50 -5.00 10.85
C LEU A 11 8.37 -4.85 10.86
N LEU A 12 9.38 -4.01 10.93
CA LEU A 12 9.96 -3.33 9.77
C LEU A 12 11.40 -3.79 9.63
N PHE A 13 11.67 -4.63 8.66
CA PHE A 13 12.98 -5.24 8.52
C PHE A 13 13.58 -4.95 7.16
N PRO A 14 14.91 -5.02 7.05
CA PRO A 14 15.57 -4.80 5.75
C PRO A 14 15.02 -5.73 4.68
N GLU A 15 14.74 -5.13 3.51
CA GLU A 15 14.25 -5.84 2.34
C GLU A 15 12.81 -6.32 2.50
N VAL A 16 12.03 -5.65 3.35
CA VAL A 16 10.60 -5.92 3.45
C VAL A 16 9.91 -5.56 2.14
N GLN A 17 8.81 -6.27 1.84
CA GLN A 17 7.88 -5.87 0.78
C GLN A 17 7.01 -4.76 1.36
N GLN A 18 7.32 -3.49 1.05
CA GLN A 18 6.78 -2.41 1.86
C GLN A 18 5.25 -2.35 1.83
N LEU A 19 4.62 -2.67 0.69
CA LEU A 19 3.16 -2.54 0.62
C LEU A 19 2.46 -3.51 1.59
N ASN A 20 3.11 -4.64 1.92
CA ASN A 20 2.53 -5.54 2.91
C ASN A 20 2.21 -4.79 4.20
N LEU A 21 3.08 -3.85 4.58
CA LEU A 21 3.02 -3.06 5.80
C LEU A 21 2.26 -1.75 5.59
N THR A 22 2.57 -1.02 4.53
CA THR A 22 1.99 0.33 4.39
C THR A 22 0.49 0.28 4.11
N GLY A 23 -0.01 -0.78 3.49
CA GLY A 23 -1.43 -0.93 3.27
C GLY A 23 -2.22 -0.97 4.57
N PRO A 24 -1.99 -2.00 5.39
CA PRO A 24 -2.72 -2.05 6.68
C PRO A 24 -2.37 -0.89 7.60
N HIS A 25 -1.16 -0.33 7.48
CA HIS A 25 -0.81 0.81 8.32
C HIS A 25 -1.79 1.96 8.09
N ASP A 26 -2.04 2.31 6.83
CA ASP A 26 -2.92 3.46 6.57
C ASP A 26 -4.35 3.18 7.02
N VAL A 27 -4.82 1.94 6.94
CA VAL A 27 -6.15 1.60 7.43
C VAL A 27 -6.21 1.71 8.95
N LEU A 28 -5.30 1.01 9.64
CA LEU A 28 -5.37 0.96 11.10
C LEU A 28 -5.04 2.30 11.75
N ALA A 29 -4.14 3.09 11.15
CA ALA A 29 -3.81 4.38 11.73
C ALA A 29 -4.98 5.35 11.66
N SER A 30 -6.01 5.05 10.84
N SER A 30 -6.01 5.07 10.86
CA SER A 30 -7.19 5.89 10.72
CA SER A 30 -7.17 5.95 10.76
C SER A 30 -8.20 5.68 11.86
C SER A 30 -8.22 5.65 11.81
N LEU A 31 -8.00 4.67 12.69
CA LEU A 31 -8.95 4.30 13.71
C LEU A 31 -8.80 5.16 14.97
N PRO A 32 -9.88 5.34 15.72
N PRO A 32 -9.86 5.30 15.75
CA PRO A 32 -9.75 5.98 17.02
CA PRO A 32 -9.75 6.09 16.98
C PRO A 32 -8.97 5.09 17.96
C PRO A 32 -8.93 5.35 18.05
N ASP A 33 -8.36 5.70 18.97
N ASP A 33 -8.11 6.11 18.77
CA ASP A 33 -7.79 4.95 20.09
CA ASP A 33 -7.42 5.67 19.98
C ASP A 33 -6.84 3.87 19.60
C ASP A 33 -6.29 4.67 19.73
N VAL A 34 -5.95 4.22 18.68
N VAL A 34 -6.00 4.31 18.48
CA VAL A 34 -4.89 3.33 18.25
CA VAL A 34 -4.89 3.40 18.25
C VAL A 34 -3.57 4.12 18.18
C VAL A 34 -3.57 4.17 18.31
N GLN A 35 -2.49 3.44 18.52
CA GLN A 35 -1.14 3.95 18.33
C GLN A 35 -0.38 2.89 17.55
N VAL A 36 0.24 3.29 16.45
CA VAL A 36 0.87 2.37 15.51
C VAL A 36 2.39 2.56 15.55
N HIS A 37 3.11 1.44 15.60
CA HIS A 37 4.57 1.40 15.75
C HIS A 37 5.19 0.63 14.59
N LEU A 38 6.35 1.09 14.15
N LEU A 38 6.33 1.10 14.12
CA LEU A 38 7.18 0.39 13.18
CA LEU A 38 7.17 0.38 13.18
C LEU A 38 8.45 -0.04 13.92
C LEU A 38 8.42 -0.05 13.94
N ILE A 39 8.63 -1.35 14.08
CA ILE A 39 9.57 -1.91 15.04
C ILE A 39 10.77 -2.52 14.34
N TRP A 40 11.96 -2.14 14.80
CA TRP A 40 13.18 -2.85 14.38
C TRP A 40 14.16 -2.80 15.55
N LYS A 41 15.43 -3.11 15.28
CA LYS A 41 16.39 -3.24 16.37
C LYS A 41 16.70 -1.88 16.98
N GLU A 42 16.59 -0.80 16.21
CA GLU A 42 16.64 0.56 16.72
C GLU A 42 15.79 1.43 15.82
N PRO A 43 15.36 2.60 16.30
CA PRO A 43 14.67 3.53 15.40
C PRO A 43 15.62 3.97 14.30
N GLY A 44 15.07 4.33 13.15
CA GLY A 44 15.87 4.82 12.05
C GLY A 44 15.52 4.17 10.73
N PRO A 45 16.28 4.50 9.68
CA PRO A 45 15.90 4.08 8.33
C PRO A 45 16.04 2.58 8.12
N VAL A 46 15.06 2.01 7.42
CA VAL A 46 15.06 0.62 7.00
C VAL A 46 14.64 0.60 5.52
N VAL A 47 15.45 -0.03 4.68
CA VAL A 47 15.26 -0.01 3.24
C VAL A 47 14.44 -1.22 2.79
N ALA A 48 13.33 -0.96 2.11
CA ALA A 48 12.47 -1.99 1.58
C ALA A 48 13.09 -2.61 0.33
N SER A 49 12.49 -3.72 -0.11
CA SER A 49 13.04 -4.46 -1.24
C SER A 49 13.09 -3.62 -2.51
N SER A 50 12.20 -2.63 -2.64
CA SER A 50 12.17 -1.76 -3.80
C SER A 50 13.19 -0.64 -3.74
N GLY A 51 13.82 -0.43 -2.58
CA GLY A 51 14.64 0.73 -2.33
C GLY A 51 13.93 1.84 -1.59
N LEU A 52 12.61 1.80 -1.49
N LEU A 52 12.62 1.79 -1.47
CA LEU A 52 11.89 2.78 -0.69
CA LEU A 52 11.90 2.80 -0.70
C LEU A 52 12.38 2.70 0.76
C LEU A 52 12.32 2.71 0.76
N VAL A 53 12.60 3.86 1.36
CA VAL A 53 13.11 3.94 2.74
C VAL A 53 11.97 4.24 3.70
N LEU A 54 11.82 3.40 4.71
CA LEU A 54 10.88 3.62 5.79
C LEU A 54 11.66 3.92 7.06
N GLN A 55 10.96 4.38 8.10
CA GLN A 55 11.59 4.71 9.37
C GLN A 55 10.98 3.87 10.49
N ALA A 56 11.81 3.05 11.13
CA ALA A 56 11.39 2.41 12.36
C ALA A 56 11.26 3.45 13.46
N THR A 57 10.20 3.34 14.24
CA THR A 57 9.87 4.29 15.29
C THR A 57 10.28 3.83 16.68
N THR A 58 10.63 2.55 16.84
CA THR A 58 10.98 2.02 18.16
C THR A 58 11.89 0.82 18.00
N SER A 59 12.77 0.64 18.98
CA SER A 59 13.52 -0.59 19.14
C SER A 59 12.61 -1.68 19.71
N PHE A 60 13.12 -2.92 19.68
CA PHE A 60 12.39 -4.01 20.33
C PHE A 60 12.12 -3.68 21.79
N ALA A 61 13.17 -3.25 22.52
CA ALA A 61 13.05 -3.09 23.95
C ALA A 61 12.07 -1.97 24.33
N ASP A 62 11.98 -0.93 23.51
CA ASP A 62 11.12 0.21 23.83
C ASP A 62 9.71 0.06 23.28
N CYS A 63 9.43 -0.99 22.54
CA CYS A 63 8.10 -1.15 21.99
C CYS A 63 7.12 -1.44 23.12
N PRO A 64 5.97 -0.79 23.18
N PRO A 64 5.97 -0.78 23.17
CA PRO A 64 5.00 -1.13 24.21
CA PRO A 64 4.95 -1.14 24.17
C PRO A 64 4.40 -2.49 23.96
C PRO A 64 4.49 -2.57 24.00
N PRO A 65 3.90 -3.17 24.98
N PRO A 65 3.77 -3.12 24.97
CA PRO A 65 3.19 -4.43 24.75
CA PRO A 65 3.14 -4.45 24.78
C PRO A 65 2.12 -4.23 23.69
C PRO A 65 2.01 -4.34 23.77
N LEU A 66 2.13 -5.10 22.69
CA LEU A 66 1.25 -4.93 21.55
C LEU A 66 -0.05 -5.69 21.69
N ASP A 67 -1.15 -5.04 21.27
N ASP A 67 -1.14 -5.07 21.25
CA ASP A 67 -2.42 -5.72 21.10
CA ASP A 67 -2.42 -5.75 21.12
C ASP A 67 -2.52 -6.42 19.76
C ASP A 67 -2.61 -6.35 19.74
N VAL A 68 -1.92 -5.85 18.72
CA VAL A 68 -1.85 -6.45 17.40
C VAL A 68 -0.39 -6.42 16.99
N ILE A 69 0.12 -7.57 16.55
CA ILE A 69 1.42 -7.64 15.89
C ILE A 69 1.21 -8.10 14.46
N CYS A 70 1.94 -7.50 13.52
CA CYS A 70 1.83 -7.85 12.11
C CYS A 70 3.22 -8.00 11.53
N ILE A 71 3.48 -9.17 10.93
CA ILE A 71 4.75 -9.48 10.30
C ILE A 71 4.55 -9.42 8.79
N PRO A 72 5.14 -8.44 8.09
CA PRO A 72 5.09 -8.42 6.63
C PRO A 72 6.09 -9.42 6.04
N GLY A 73 5.99 -9.60 4.72
CA GLY A 73 6.87 -10.47 3.99
C GLY A 73 7.87 -9.73 3.13
N GLY A 74 8.41 -10.44 2.14
CA GLY A 74 9.34 -9.88 1.19
C GLY A 74 10.68 -10.60 1.18
N THR A 75 11.57 -10.10 0.32
CA THR A 75 12.89 -10.70 0.16
C THR A 75 13.58 -10.91 1.50
N GLY A 76 13.43 -9.97 2.43
CA GLY A 76 14.15 -10.02 3.68
C GLY A 76 13.71 -11.09 4.68
N VAL A 77 12.68 -11.87 4.35
N VAL A 77 12.67 -11.87 4.38
CA VAL A 77 12.16 -12.88 5.27
CA VAL A 77 12.21 -12.84 5.38
C VAL A 77 13.21 -13.95 5.56
C VAL A 77 13.23 -13.96 5.59
N GLY A 78 13.99 -14.33 4.56
CA GLY A 78 14.95 -15.41 4.74
C GLY A 78 15.89 -15.15 5.89
N ALA A 79 16.42 -13.92 5.96
CA ALA A 79 17.30 -13.58 7.07
C ALA A 79 16.56 -13.63 8.39
N LEU A 80 15.33 -13.12 8.43
N LEU A 80 15.32 -13.14 8.43
CA LEU A 80 14.56 -13.09 9.67
CA LEU A 80 14.58 -13.08 9.67
C LEU A 80 14.35 -14.49 10.21
C LEU A 80 14.22 -14.46 10.21
N MET A 81 14.13 -15.46 9.32
CA MET A 81 13.83 -16.82 9.75
C MET A 81 14.97 -17.45 10.52
N GLU A 82 16.15 -16.83 10.50
CA GLU A 82 17.32 -17.30 11.22
C GLU A 82 17.94 -16.20 12.09
N ASP A 83 17.11 -15.24 12.52
CA ASP A 83 17.52 -14.12 13.36
C ASP A 83 17.00 -14.36 14.77
N PRO A 84 17.81 -14.86 15.70
CA PRO A 84 17.26 -15.25 17.00
C PRO A 84 16.66 -14.09 17.77
N GLN A 85 17.22 -12.88 17.66
CA GLN A 85 16.70 -11.75 18.41
C GLN A 85 15.32 -11.35 17.88
N ALA A 86 15.14 -11.32 16.56
CA ALA A 86 13.85 -10.97 16.01
C ALA A 86 12.81 -12.03 16.34
N LEU A 87 13.17 -13.30 16.23
CA LEU A 87 12.21 -14.37 16.53
C LEU A 87 11.79 -14.33 17.99
N ALA A 88 12.72 -14.04 18.90
CA ALA A 88 12.37 -13.94 20.32
C ALA A 88 11.41 -12.79 20.56
N PHE A 89 11.65 -11.64 19.93
CA PHE A 89 10.73 -10.52 20.07
C PHE A 89 9.33 -10.90 19.62
N ILE A 90 9.23 -11.56 18.47
CA ILE A 90 7.93 -11.94 17.94
C ILE A 90 7.22 -12.89 18.89
N ARG A 91 7.94 -13.90 19.40
CA ARG A 91 7.34 -14.85 20.34
C ARG A 91 6.85 -14.13 21.58
N GLN A 92 7.66 -13.22 22.12
CA GLN A 92 7.29 -12.54 23.35
C GLN A 92 6.03 -11.72 23.15
N GLN A 93 5.95 -11.00 22.04
CA GLN A 93 4.77 -10.20 21.78
C GLN A 93 3.55 -11.08 21.52
N ALA A 94 3.72 -12.16 20.77
CA ALA A 94 2.61 -13.02 20.43
C ALA A 94 2.02 -13.70 21.67
N ALA A 95 2.84 -13.87 22.71
CA ALA A 95 2.40 -14.65 23.87
C ALA A 95 1.18 -14.02 24.53
N ARG A 96 1.05 -12.69 24.46
N ARG A 96 1.04 -12.71 24.45
CA ARG A 96 -0.06 -12.02 25.11
CA ARG A 96 -0.08 -12.03 25.10
C ARG A 96 -0.83 -11.08 24.18
C ARG A 96 -0.86 -11.12 24.17
N ALA A 97 -0.51 -11.05 22.89
CA ALA A 97 -1.23 -10.16 21.98
C ALA A 97 -2.64 -10.67 21.71
N ARG A 98 -3.57 -9.72 21.56
N ARG A 98 -3.60 -9.73 21.54
CA ARG A 98 -4.92 -10.07 21.16
CA ARG A 98 -4.93 -10.17 21.16
C ARG A 98 -4.95 -10.68 19.76
C ARG A 98 -4.98 -10.67 19.73
N TYR A 99 -4.13 -10.15 18.84
CA TYR A 99 -4.09 -10.63 17.46
C TYR A 99 -2.66 -10.79 16.98
N VAL A 100 -2.38 -11.91 16.33
CA VAL A 100 -1.08 -12.22 15.72
C VAL A 100 -1.33 -12.38 14.24
N THR A 101 -0.67 -11.57 13.42
CA THR A 101 -1.01 -11.50 12.01
C THR A 101 0.25 -11.43 11.14
N SER A 102 0.07 -11.79 9.86
CA SER A 102 1.16 -11.69 8.91
C SER A 102 0.61 -11.54 7.49
N VAL A 103 1.46 -11.02 6.62
CA VAL A 103 1.15 -10.87 5.21
C VAL A 103 2.24 -11.55 4.39
N CYS A 104 1.84 -12.21 3.31
N CYS A 104 1.83 -12.25 3.34
CA CYS A 104 2.82 -12.77 2.36
CA CYS A 104 2.75 -12.93 2.40
C CYS A 104 3.70 -13.76 3.13
C CYS A 104 3.71 -13.81 3.19
N THR A 105 5.00 -13.77 2.89
CA THR A 105 5.93 -14.67 3.56
C THR A 105 6.24 -14.28 4.99
N GLY A 106 5.60 -13.24 5.53
CA GLY A 106 5.67 -13.02 6.95
C GLY A 106 5.19 -14.22 7.77
N SER A 107 4.29 -15.03 7.21
CA SER A 107 3.87 -16.22 7.94
C SER A 107 5.01 -17.24 8.06
N LEU A 108 5.97 -17.23 7.15
CA LEU A 108 7.12 -18.12 7.32
C LEU A 108 7.97 -17.69 8.50
N VAL A 109 8.01 -16.40 8.81
CA VAL A 109 8.68 -15.91 10.02
C VAL A 109 7.94 -16.38 11.26
N LEU A 110 6.61 -16.21 11.28
CA LEU A 110 5.82 -16.79 12.37
C LEU A 110 6.12 -18.28 12.50
N GLY A 111 6.24 -18.98 11.37
CA GLY A 111 6.54 -20.40 11.41
C GLY A 111 7.90 -20.68 12.02
N ALA A 112 8.92 -19.92 11.62
CA ALA A 112 10.26 -20.12 12.17
C ALA A 112 10.29 -19.81 13.66
N ALA A 113 9.39 -18.96 14.13
CA ALA A 113 9.28 -18.64 15.54
C ALA A 113 8.49 -19.67 16.31
N GLY A 114 7.96 -20.70 15.63
CA GLY A 114 7.20 -21.76 16.27
C GLY A 114 5.71 -21.49 16.42
N LEU A 115 5.21 -20.38 15.89
CA LEU A 115 3.87 -19.90 16.15
C LEU A 115 2.82 -20.44 15.17
N LEU A 116 3.18 -21.30 14.23
CA LEU A 116 2.22 -21.94 13.36
C LEU A 116 2.00 -23.41 13.71
N GLN A 117 2.61 -23.90 14.77
CA GLN A 117 2.51 -25.32 15.10
C GLN A 117 1.06 -25.73 15.29
N GLY A 118 0.58 -26.61 14.40
CA GLY A 118 -0.79 -27.07 14.47
C GLY A 118 -1.84 -26.08 14.05
N LYS A 119 -1.46 -24.97 13.42
CA LYS A 119 -2.39 -23.90 13.09
C LYS A 119 -2.64 -23.84 11.59
N ARG A 120 -3.89 -23.56 11.22
N ARG A 120 -3.88 -23.54 11.22
CA ARG A 120 -4.22 -23.27 9.83
CA ARG A 120 -4.20 -23.28 9.82
C ARG A 120 -3.57 -21.94 9.43
C ARG A 120 -3.60 -21.95 9.42
N ALA A 121 -2.97 -21.91 8.24
CA ALA A 121 -2.29 -20.71 7.80
C ALA A 121 -2.07 -20.74 6.30
N THR A 122 -1.86 -19.55 5.75
CA THR A 122 -1.49 -19.40 4.35
C THR A 122 -0.23 -18.54 4.26
N THR A 123 0.28 -18.42 3.04
CA THR A 123 1.42 -17.57 2.72
C THR A 123 1.34 -17.27 1.23
N HIS A 124 2.32 -16.55 0.72
CA HIS A 124 2.41 -16.29 -0.72
C HIS A 124 2.41 -17.61 -1.49
N TRP A 125 1.63 -17.65 -2.58
CA TRP A 125 1.39 -18.90 -3.30
C TRP A 125 2.68 -19.59 -3.75
N ALA A 126 3.72 -18.82 -4.09
CA ALA A 126 4.94 -19.42 -4.62
C ALA A 126 5.75 -20.15 -3.55
N TYR A 127 5.45 -19.89 -2.29
N TYR A 127 5.45 -19.89 -2.28
CA TYR A 127 6.18 -20.47 -1.16
CA TYR A 127 6.19 -20.45 -1.16
C TYR A 127 5.25 -21.24 -0.24
C TYR A 127 5.30 -21.34 -0.29
N HIS A 128 4.09 -21.65 -0.75
CA HIS A 128 3.11 -22.30 0.11
C HIS A 128 3.58 -23.66 0.61
N GLU A 129 4.43 -24.35 -0.15
N GLU A 129 4.43 -24.35 -0.15
CA GLU A 129 4.91 -25.66 0.28
CA GLU A 129 4.89 -25.67 0.29
C GLU A 129 5.76 -25.60 1.54
C GLU A 129 5.78 -25.60 1.53
N LEU A 130 6.18 -24.40 1.97
CA LEU A 130 7.04 -24.26 3.13
C LEU A 130 6.26 -24.18 4.44
N LEU A 131 4.92 -24.14 4.38
CA LEU A 131 4.12 -24.06 5.59
C LEU A 131 4.13 -25.37 6.37
N ALA A 132 3.93 -26.49 5.68
CA ALA A 132 3.81 -27.78 6.38
C ALA A 132 5.07 -28.13 7.17
N PRO A 133 6.28 -27.95 6.66
CA PRO A 133 7.47 -28.26 7.48
C PRO A 133 7.56 -27.42 8.72
N LEU A 134 6.93 -26.24 8.75
CA LEU A 134 6.91 -25.37 9.93
C LEU A 134 5.73 -25.69 10.85
N GLY A 135 5.04 -26.81 10.60
CA GLY A 135 4.00 -27.29 11.49
C GLY A 135 2.61 -26.80 11.17
N ALA A 136 2.45 -25.97 10.15
CA ALA A 136 1.15 -25.42 9.83
C ALA A 136 0.28 -26.44 9.10
N ILE A 137 -1.03 -26.20 9.19
CA ILE A 137 -1.99 -26.84 8.30
C ILE A 137 -2.18 -25.89 7.12
N PRO A 138 -1.61 -26.19 5.94
N PRO A 138 -1.64 -26.22 5.94
CA PRO A 138 -1.68 -25.22 4.84
CA PRO A 138 -1.70 -25.26 4.84
C PRO A 138 -3.10 -25.09 4.32
C PRO A 138 -3.13 -25.09 4.35
N VAL A 139 -3.50 -23.85 4.07
CA VAL A 139 -4.83 -23.53 3.53
C VAL A 139 -4.66 -22.55 2.39
N HIS A 140 -5.26 -22.86 1.23
CA HIS A 140 -5.14 -22.04 0.03
C HIS A 140 -6.32 -21.07 -0.07
N GLU A 141 -6.32 -20.08 0.82
CA GLU A 141 -7.34 -19.04 0.85
C GLU A 141 -6.64 -17.72 1.10
N ARG A 142 -7.32 -16.62 0.74
N ARG A 142 -7.32 -16.61 0.76
CA ARG A 142 -6.71 -15.29 0.80
CA ARG A 142 -6.69 -15.30 0.79
C ARG A 142 -6.32 -14.93 2.23
C ARG A 142 -6.35 -14.84 2.21
N VAL A 143 -7.27 -15.06 3.16
CA VAL A 143 -7.07 -14.73 4.57
C VAL A 143 -7.53 -15.93 5.37
N VAL A 144 -6.64 -16.48 6.19
CA VAL A 144 -6.90 -17.69 6.98
C VAL A 144 -6.86 -17.30 8.45
N ARG A 145 -7.90 -17.68 9.18
CA ARG A 145 -8.01 -17.37 10.60
C ARG A 145 -8.03 -18.64 11.41
N ASP A 146 -7.21 -18.69 12.45
N ASP A 146 -7.22 -18.69 12.47
CA ASP A 146 -7.20 -19.81 13.40
CA ASP A 146 -7.19 -19.80 13.40
C ASP A 146 -7.04 -19.20 14.79
C ASP A 146 -7.05 -19.19 14.79
N GLY A 147 -8.13 -19.16 15.55
CA GLY A 147 -8.07 -18.48 16.83
C GLY A 147 -7.78 -17.01 16.61
N ASN A 148 -6.75 -16.48 17.28
CA ASN A 148 -6.35 -15.07 17.13
C ASN A 148 -5.26 -14.88 16.09
N LEU A 149 -5.00 -15.88 15.26
CA LEU A 149 -4.00 -15.81 14.20
C LEU A 149 -4.71 -15.50 12.88
N LEU A 150 -4.23 -14.50 12.17
CA LEU A 150 -4.71 -14.19 10.82
C LEU A 150 -3.51 -14.11 9.91
N THR A 151 -3.49 -14.91 8.85
CA THR A 151 -2.43 -14.85 7.85
C THR A 151 -3.07 -14.58 6.50
N GLY A 152 -2.41 -13.77 5.70
CA GLY A 152 -2.92 -13.46 4.36
C GLY A 152 -1.81 -13.63 3.35
N GLY A 153 -2.16 -14.11 2.17
CA GLY A 153 -1.12 -14.41 1.19
C GLY A 153 -0.63 -13.27 0.30
N GLY A 154 -1.58 -12.53 -0.21
CA GLY A 154 -1.33 -11.54 -1.24
C GLY A 154 -0.85 -10.20 -0.71
N ILE A 155 -0.33 -9.39 -1.64
CA ILE A 155 0.44 -8.21 -1.25
C ILE A 155 -0.39 -7.24 -0.41
N THR A 156 -1.69 -7.11 -0.72
CA THR A 156 -2.58 -6.22 0.03
C THR A 156 -3.53 -6.98 0.96
N ALA A 157 -3.25 -8.25 1.27
CA ALA A 157 -4.17 -8.97 2.15
C ALA A 157 -4.33 -8.27 3.50
N GLY A 158 -3.28 -7.58 3.97
CA GLY A 158 -3.39 -6.86 5.21
C GLY A 158 -4.38 -5.71 5.18
N ILE A 159 -4.61 -5.09 4.02
CA ILE A 159 -5.64 -4.06 3.94
C ILE A 159 -7.00 -4.66 4.29
N ASP A 160 -7.28 -5.82 3.70
CA ASP A 160 -8.56 -6.48 3.91
C ASP A 160 -8.72 -6.98 5.35
N PHE A 161 -7.70 -7.67 5.88
CA PHE A 161 -7.84 -8.14 7.25
C PHE A 161 -7.73 -7.01 8.25
N ALA A 162 -7.14 -5.86 7.89
CA ALA A 162 -7.18 -4.70 8.77
C ALA A 162 -8.61 -4.23 8.99
N LEU A 163 -9.45 -4.29 7.95
CA LEU A 163 -10.85 -3.92 8.12
C LEU A 163 -11.57 -4.91 9.02
N THR A 164 -11.26 -6.21 8.92
CA THR A 164 -11.81 -7.18 9.86
C THR A 164 -11.38 -6.86 11.29
N LEU A 165 -10.10 -6.56 11.49
CA LEU A 165 -9.61 -6.20 12.82
C LEU A 165 -10.31 -4.95 13.34
N ALA A 166 -10.51 -3.96 12.46
CA ALA A 166 -11.22 -2.76 12.88
C ALA A 166 -12.58 -3.09 13.43
N ALA A 167 -13.30 -4.00 12.75
CA ALA A 167 -14.64 -4.36 13.18
C ALA A 167 -14.64 -5.11 14.50
N GLU A 168 -13.61 -5.92 14.76
CA GLU A 168 -13.56 -6.67 16.00
C GLU A 168 -13.04 -5.81 17.15
N LEU A 169 -12.10 -4.91 16.87
CA LEU A 169 -11.57 -4.03 17.90
C LEU A 169 -12.58 -2.95 18.28
N PHE A 170 -13.39 -2.53 17.32
CA PHE A 170 -14.37 -1.47 17.53
C PHE A 170 -15.75 -1.99 17.19
N ASP A 171 -16.21 -1.79 15.96
CA ASP A 171 -17.47 -2.35 15.51
C ASP A 171 -17.52 -2.25 13.99
N ALA A 172 -18.49 -2.94 13.39
CA ALA A 172 -18.58 -2.97 11.94
C ALA A 172 -18.77 -1.58 11.36
N ALA A 173 -19.54 -0.73 12.05
CA ALA A 173 -19.78 0.61 11.53
C ALA A 173 -18.49 1.41 11.48
N THR A 174 -17.59 1.19 12.43
CA THR A 174 -16.30 1.87 12.40
C THR A 174 -15.46 1.39 11.22
N ALA A 175 -15.43 0.08 10.96
CA ALA A 175 -14.72 -0.44 9.79
C ALA A 175 -15.30 0.11 8.49
N GLN A 176 -16.63 0.14 8.39
CA GLN A 176 -17.28 0.68 7.20
C GLN A 176 -16.98 2.16 7.02
N ARG A 177 -16.95 2.91 8.12
CA ARG A 177 -16.62 4.33 8.02
C ARG A 177 -15.21 4.53 7.50
N VAL A 178 -14.25 3.74 7.98
CA VAL A 178 -12.89 3.86 7.46
C VAL A 178 -12.86 3.51 5.97
N GLN A 179 -13.54 2.43 5.59
CA GLN A 179 -13.58 2.06 4.17
C GLN A 179 -14.13 3.19 3.31
N LEU A 180 -15.20 3.86 3.78
CA LEU A 180 -15.80 4.93 3.00
C LEU A 180 -14.91 6.17 2.99
N GLN A 181 -14.37 6.54 4.15
CA GLN A 181 -13.52 7.73 4.22
C GLN A 181 -12.29 7.59 3.34
N LEU A 182 -11.70 6.42 3.28
CA LEU A 182 -10.56 6.16 2.40
C LEU A 182 -10.97 5.83 0.98
N GLU A 183 -12.26 5.60 0.75
CA GLU A 183 -12.77 5.16 -0.55
C GLU A 183 -11.98 3.96 -1.03
N TYR A 184 -11.94 2.92 -0.20
CA TYR A 184 -11.27 1.67 -0.55
C TYR A 184 -12.24 0.79 -1.32
N ALA A 185 -12.03 0.73 -2.63
CA ALA A 185 -12.97 0.12 -3.57
C ALA A 185 -12.17 -0.46 -4.72
N PRO A 186 -11.40 -1.52 -4.47
CA PRO A 186 -10.51 -2.06 -5.51
C PRO A 186 -11.26 -2.69 -6.67
N ALA A 187 -10.64 -2.62 -7.84
CA ALA A 187 -11.19 -3.20 -9.06
C ALA A 187 -10.05 -3.43 -10.06
N PRO A 188 -9.33 -4.54 -9.91
CA PRO A 188 -8.16 -4.74 -10.76
C PRO A 188 -8.56 -4.92 -12.22
N PRO A 189 -7.74 -4.44 -13.16
CA PRO A 189 -8.05 -4.59 -14.59
C PRO A 189 -7.65 -5.91 -15.20
N PHE A 190 -7.01 -6.81 -14.44
CA PHE A 190 -6.69 -8.17 -14.86
C PHE A 190 -7.12 -9.11 -13.75
N ASN A 191 -7.19 -10.39 -14.10
CA ASN A 191 -7.62 -11.46 -13.20
C ASN A 191 -6.53 -12.50 -13.05
N ALA A 192 -5.29 -12.05 -12.87
CA ALA A 192 -4.12 -12.92 -12.75
C ALA A 192 -3.50 -12.89 -11.36
N GLY A 193 -4.28 -12.51 -10.35
CA GLY A 193 -3.77 -12.44 -8.99
C GLY A 193 -3.74 -13.75 -8.23
N SER A 194 -4.14 -14.84 -8.85
CA SER A 194 -4.09 -16.18 -8.28
C SER A 194 -3.52 -17.12 -9.31
N PRO A 195 -2.72 -18.10 -8.91
CA PRO A 195 -2.28 -19.12 -9.87
C PRO A 195 -3.42 -19.95 -10.43
N ASP A 196 -4.61 -19.91 -9.81
CA ASP A 196 -5.76 -20.61 -10.36
C ASP A 196 -6.37 -19.88 -11.56
N THR A 197 -6.17 -18.56 -11.69
CA THR A 197 -6.83 -17.78 -12.73
C THR A 197 -5.88 -17.14 -13.73
N ALA A 198 -4.60 -17.03 -13.40
CA ALA A 198 -3.65 -16.46 -14.35
C ALA A 198 -3.45 -17.39 -15.53
N PRO A 199 -3.03 -16.85 -16.69
CA PRO A 199 -2.69 -17.72 -17.82
C PRO A 199 -1.61 -18.72 -17.44
N ALA A 200 -1.66 -19.91 -18.04
CA ALA A 200 -0.69 -20.96 -17.69
C ALA A 200 0.75 -20.49 -17.89
N SER A 201 1.03 -19.77 -18.98
CA SER A 201 2.40 -19.32 -19.26
C SER A 201 2.85 -18.30 -18.22
N VAL A 202 1.91 -17.50 -17.70
CA VAL A 202 2.20 -16.53 -16.65
C VAL A 202 2.54 -17.23 -15.35
N VAL A 203 1.80 -18.30 -15.00
CA VAL A 203 2.13 -19.10 -13.83
C VAL A 203 3.55 -19.64 -13.94
N GLN A 204 3.88 -20.25 -15.10
CA GLN A 204 5.18 -20.86 -15.27
C GLN A 204 6.29 -19.82 -15.15
N GLN A 205 6.11 -18.66 -15.76
CA GLN A 205 7.16 -17.65 -15.71
C GLN A 205 7.30 -17.05 -14.31
N ALA A 206 6.19 -16.80 -13.62
CA ALA A 206 6.28 -16.34 -12.25
C ALA A 206 7.00 -17.37 -11.37
N ARG A 207 6.69 -18.65 -11.57
CA ARG A 207 7.35 -19.69 -10.79
C ARG A 207 8.84 -19.71 -11.07
N GLN A 208 9.21 -19.60 -12.34
CA GLN A 208 10.64 -19.61 -12.69
C GLN A 208 11.36 -18.45 -12.02
N ARG A 209 10.73 -17.27 -11.98
N ARG A 209 10.72 -17.27 -11.96
CA ARG A 209 11.36 -16.11 -11.35
CA ARG A 209 11.38 -16.11 -11.36
C ARG A 209 11.52 -16.28 -9.85
C ARG A 209 11.45 -16.21 -9.84
N ALA A 210 10.69 -17.11 -9.22
CA ALA A 210 10.79 -17.37 -7.79
C ALA A 210 11.65 -18.59 -7.45
N ALA A 211 12.13 -19.33 -8.45
CA ALA A 211 12.68 -20.66 -8.19
C ALA A 211 13.93 -20.62 -7.32
N ASP A 212 14.86 -19.70 -7.59
CA ASP A 212 16.08 -19.65 -6.79
C ASP A 212 15.76 -19.25 -5.35
N SER A 213 14.83 -18.32 -5.18
CA SER A 213 14.42 -17.91 -3.84
C SER A 213 13.75 -19.07 -3.11
N LEU A 214 12.87 -19.80 -3.79
CA LEU A 214 12.22 -20.94 -3.17
C LEU A 214 13.25 -22.00 -2.76
N HIS A 215 14.24 -22.26 -3.61
CA HIS A 215 15.25 -23.26 -3.29
C HIS A 215 16.03 -22.86 -2.05
N LYS A 216 16.42 -21.59 -1.99
CA LYS A 216 17.14 -21.07 -0.83
C LYS A 216 16.26 -21.14 0.41
N ARG A 217 14.98 -20.80 0.28
CA ARG A 217 14.08 -20.80 1.43
C ARG A 217 13.69 -22.20 1.87
N ARG A 218 13.72 -23.18 0.97
N ARG A 218 13.73 -23.17 0.96
CA ARG A 218 13.53 -24.56 1.38
CA ARG A 218 13.54 -24.56 1.34
C ARG A 218 14.59 -24.97 2.40
C ARG A 218 14.58 -24.98 2.37
N GLU A 219 15.84 -24.62 2.14
CA GLU A 219 16.91 -24.99 3.08
C GLU A 219 16.79 -24.20 4.37
N ILE A 220 16.49 -22.90 4.28
CA ILE A 220 16.28 -22.12 5.49
C ILE A 220 15.15 -22.72 6.30
N THR A 221 14.05 -23.10 5.62
CA THR A 221 12.89 -23.65 6.33
C THR A 221 13.24 -24.96 7.01
N LEU A 222 14.00 -25.82 6.34
CA LEU A 222 14.41 -27.07 6.96
C LEU A 222 15.24 -26.82 8.20
N ARG A 223 16.18 -25.85 8.13
CA ARG A 223 16.97 -25.53 9.30
C ARG A 223 16.11 -24.96 10.42
N ALA A 224 15.19 -24.06 10.07
CA ALA A 224 14.31 -23.48 11.07
C ALA A 224 13.47 -24.56 11.75
N ALA A 225 12.91 -25.48 10.96
CA ALA A 225 12.14 -26.57 11.54
C ALA A 225 13.00 -27.44 12.45
N ALA A 226 14.22 -27.75 12.02
CA ALA A 226 15.10 -28.58 12.84
C ALA A 226 15.46 -27.89 14.14
N ARG A 227 15.62 -26.56 14.11
CA ARG A 227 15.94 -25.84 15.35
C ARG A 227 14.76 -25.89 16.31
N LEU A 228 13.53 -25.80 15.80
CA LEU A 228 12.36 -25.93 16.66
C LEU A 228 12.29 -27.31 17.29
N ALA A 229 12.60 -28.35 16.52
CA ALA A 229 12.54 -29.70 17.05
C ALA A 229 13.63 -29.95 18.10
N ALA A 230 14.81 -29.38 17.89
CA ALA A 230 15.92 -29.61 18.81
C ALA A 230 15.80 -28.71 20.04
N GLY B 1 12.15 -5.41 -27.96
CA GLY B 1 13.27 -5.95 -27.13
C GLY B 1 13.97 -4.86 -26.35
N SER B 2 13.43 -3.65 -26.41
CA SER B 2 14.03 -2.53 -25.71
C SER B 2 13.99 -2.74 -24.21
N HIS B 3 15.05 -2.29 -23.53
CA HIS B 3 15.11 -2.24 -22.08
C HIS B 3 15.37 -0.82 -21.60
N MET B 4 15.08 0.16 -22.43
CA MET B 4 15.14 1.54 -21.99
C MET B 4 14.21 1.73 -20.80
N ALA B 5 14.72 2.38 -19.77
CA ALA B 5 13.94 2.54 -18.55
C ALA B 5 12.76 3.48 -18.78
N VAL B 6 11.67 3.17 -18.10
CA VAL B 6 10.54 4.06 -17.96
C VAL B 6 10.71 4.78 -16.63
N GLN B 7 10.88 6.10 -16.66
CA GLN B 7 11.06 6.91 -15.46
C GLN B 7 9.70 7.27 -14.90
N ILE B 8 9.41 6.80 -13.69
CA ILE B 8 8.09 6.96 -13.06
C ILE B 8 8.27 7.74 -11.77
N GLY B 9 7.64 8.90 -11.69
CA GLY B 9 7.82 9.80 -10.57
C GLY B 9 6.56 10.02 -9.79
N PHE B 10 6.66 9.92 -8.46
CA PHE B 10 5.57 10.21 -7.54
C PHE B 10 5.90 11.47 -6.77
N LEU B 11 4.96 12.41 -6.74
N LEU B 11 4.95 12.39 -6.70
CA LEU B 11 5.11 13.59 -5.90
CA LEU B 11 5.14 13.60 -5.90
C LEU B 11 4.90 13.18 -4.45
C LEU B 11 4.88 13.28 -4.44
N LEU B 12 5.89 13.48 -3.60
CA LEU B 12 5.85 13.14 -2.18
C LEU B 12 5.84 14.44 -1.38
N PHE B 13 4.67 14.82 -0.87
CA PHE B 13 4.49 16.11 -0.21
C PHE B 13 4.03 15.94 1.24
N PRO B 14 4.28 16.94 2.09
CA PRO B 14 3.83 16.83 3.48
C PRO B 14 2.34 16.56 3.59
N GLU B 15 1.99 15.63 4.48
CA GLU B 15 0.60 15.26 4.75
C GLU B 15 -0.06 14.54 3.58
N VAL B 16 0.75 13.88 2.74
CA VAL B 16 0.23 12.97 1.74
C VAL B 16 -0.50 11.80 2.40
N GLN B 17 -1.52 11.28 1.71
CA GLN B 17 -2.14 10.00 2.07
C GLN B 17 -1.19 8.92 1.52
N GLN B 18 -0.37 8.33 2.38
CA GLN B 18 0.79 7.60 1.86
C GLN B 18 0.40 6.43 0.97
N LEU B 19 -0.70 5.73 1.29
CA LEU B 19 -1.05 4.54 0.50
C LEU B 19 -1.36 4.89 -0.95
N ASN B 20 -1.79 6.14 -1.21
CA ASN B 20 -2.03 6.55 -2.60
C ASN B 20 -0.78 6.33 -3.45
N LEU B 21 0.39 6.58 -2.85
N LEU B 21 0.41 6.58 -2.88
CA LEU B 21 1.71 6.54 -3.45
CA LEU B 21 1.63 6.40 -3.66
C LEU B 21 2.37 5.17 -3.30
C LEU B 21 2.37 5.11 -3.34
N THR B 22 2.34 4.61 -2.10
CA THR B 22 3.11 3.40 -1.82
C THR B 22 2.54 2.19 -2.55
N GLY B 23 1.24 2.18 -2.83
CA GLY B 23 0.63 1.11 -3.61
C GLY B 23 1.19 1.01 -5.01
N PRO B 24 0.99 2.02 -5.85
CA PRO B 24 1.54 1.96 -7.22
C PRO B 24 3.06 1.90 -7.23
N HIS B 25 3.73 2.51 -6.25
CA HIS B 25 5.19 2.44 -6.21
C HIS B 25 5.65 0.99 -6.14
N ASP B 26 5.08 0.20 -5.23
CA ASP B 26 5.54 -1.18 -5.09
C ASP B 26 5.20 -2.02 -6.32
N VAL B 27 4.04 -1.76 -6.94
CA VAL B 27 3.70 -2.50 -8.16
C VAL B 27 4.70 -2.19 -9.27
N LEU B 28 4.90 -0.90 -9.54
CA LEU B 28 5.72 -0.51 -10.69
C LEU B 28 7.20 -0.75 -10.45
N ALA B 29 7.66 -0.59 -9.21
CA ALA B 29 9.06 -0.87 -8.89
C ALA B 29 9.42 -2.34 -9.04
N SER B 30 8.43 -3.23 -9.17
N SER B 30 8.43 -3.23 -9.17
CA SER B 30 8.73 -4.64 -9.37
CA SER B 30 8.69 -4.64 -9.38
C SER B 30 9.07 -4.98 -10.82
C SER B 30 9.10 -4.97 -10.81
N LEU B 31 8.94 -4.02 -11.73
CA LEU B 31 9.19 -4.27 -13.15
C LEU B 31 10.65 -3.97 -13.49
N PRO B 32 11.29 -4.85 -14.27
CA PRO B 32 12.74 -4.70 -14.49
C PRO B 32 13.13 -3.43 -15.20
N ASP B 33 12.26 -2.89 -16.07
CA ASP B 33 12.60 -1.72 -16.87
C ASP B 33 11.91 -0.46 -16.39
N VAL B 34 11.56 -0.38 -15.11
CA VAL B 34 11.04 0.83 -14.46
C VAL B 34 12.09 1.36 -13.49
N GLN B 35 12.25 2.68 -13.46
CA GLN B 35 12.98 3.36 -12.40
C GLN B 35 12.01 4.33 -11.74
N VAL B 36 11.76 4.15 -10.45
CA VAL B 36 10.84 4.99 -9.71
C VAL B 36 11.59 6.08 -8.97
N HIS B 37 10.89 7.19 -8.71
CA HIS B 37 11.41 8.35 -8.02
C HIS B 37 10.37 8.88 -7.04
N LEU B 38 10.81 9.35 -5.88
CA LEU B 38 9.95 10.06 -4.92
C LEU B 38 10.44 11.49 -4.87
N ILE B 39 9.61 12.43 -5.32
CA ILE B 39 10.05 13.78 -5.64
C ILE B 39 9.49 14.79 -4.65
N TRP B 40 10.36 15.66 -4.13
CA TRP B 40 9.89 16.85 -3.39
C TRP B 40 10.88 17.99 -3.67
N LYS B 41 10.76 19.06 -2.87
N LYS B 41 10.77 19.07 -2.90
CA LYS B 41 11.66 20.21 -3.02
CA LYS B 41 11.65 20.22 -3.12
C LYS B 41 13.12 19.79 -2.83
C LYS B 41 13.10 19.91 -2.78
N GLU B 42 13.37 18.90 -1.88
N GLU B 42 13.34 18.87 -1.99
CA GLU B 42 14.69 18.39 -1.55
CA GLU B 42 14.68 18.38 -1.72
C GLU B 42 14.55 16.90 -1.29
C GLU B 42 14.57 16.93 -1.27
N PRO B 43 15.63 16.14 -1.43
CA PRO B 43 15.63 14.79 -0.86
C PRO B 43 15.55 14.93 0.65
N GLY B 44 14.94 13.95 1.30
CA GLY B 44 14.87 13.92 2.75
C GLY B 44 13.49 13.55 3.24
N PRO B 45 13.30 13.59 4.56
CA PRO B 45 12.06 13.07 5.15
C PRO B 45 10.85 13.91 4.77
N VAL B 46 9.73 13.22 4.54
CA VAL B 46 8.43 13.85 4.32
C VAL B 46 7.42 13.06 5.14
N VAL B 47 6.67 13.75 5.99
CA VAL B 47 5.76 13.08 6.93
C VAL B 47 4.38 12.97 6.30
N ALA B 48 3.88 11.75 6.19
CA ALA B 48 2.54 11.51 5.66
C ALA B 48 1.47 11.89 6.69
N SER B 49 0.22 11.88 6.23
CA SER B 49 -0.90 12.31 7.06
C SER B 49 -1.08 11.48 8.33
N SER B 50 -0.62 10.23 8.33
CA SER B 50 -0.68 9.35 9.49
C SER B 50 0.50 9.51 10.44
N GLY B 51 1.52 10.26 10.03
CA GLY B 51 2.77 10.32 10.77
C GLY B 51 3.83 9.39 10.25
N LEU B 52 3.49 8.44 9.39
N LEU B 52 3.48 8.44 9.39
CA LEU B 52 4.52 7.60 8.79
CA LEU B 52 4.50 7.61 8.74
C LEU B 52 5.46 8.47 7.98
C LEU B 52 5.47 8.49 7.98
N VAL B 53 6.76 8.26 8.15
CA VAL B 53 7.79 9.09 7.51
C VAL B 53 8.32 8.40 6.27
N LEU B 54 8.20 9.08 5.13
CA LEU B 54 8.76 8.65 3.86
C LEU B 54 9.98 9.50 3.54
N GLN B 55 10.68 9.13 2.48
N GLN B 55 10.72 9.09 2.52
CA GLN B 55 11.94 9.78 2.13
CA GLN B 55 11.96 9.76 2.12
C GLN B 55 11.91 10.12 0.65
C GLN B 55 11.89 10.12 0.65
N ALA B 56 11.91 11.42 0.34
CA ALA B 56 12.06 11.86 -1.03
C ALA B 56 13.48 11.55 -1.51
N THR B 57 13.60 11.11 -2.77
CA THR B 57 14.86 10.70 -3.37
C THR B 57 15.49 11.78 -4.25
N THR B 58 14.72 12.77 -4.67
CA THR B 58 15.24 13.79 -5.56
C THR B 58 14.47 15.08 -5.36
N SER B 59 15.18 16.18 -5.58
CA SER B 59 14.56 17.49 -5.73
C SER B 59 13.91 17.61 -7.10
N PHE B 60 13.10 18.66 -7.25
CA PHE B 60 12.53 18.97 -8.56
C PHE B 60 13.64 19.11 -9.60
N ALA B 61 14.67 19.90 -9.29
CA ALA B 61 15.69 20.22 -10.28
C ALA B 61 16.45 18.98 -10.73
N ASP B 62 16.65 18.01 -9.84
CA ASP B 62 17.46 16.84 -10.16
C ASP B 62 16.63 15.67 -10.68
N CYS B 63 15.32 15.80 -10.76
CA CYS B 63 14.50 14.71 -11.25
C CYS B 63 14.71 14.54 -12.74
N PRO B 64 14.91 13.32 -13.23
N PRO B 64 14.94 13.32 -13.21
CA PRO B 64 15.04 13.13 -14.67
CA PRO B 64 15.00 13.08 -14.66
C PRO B 64 13.71 13.38 -15.35
C PRO B 64 13.70 13.46 -15.32
N PRO B 65 13.71 13.73 -16.63
CA PRO B 65 12.45 13.87 -17.36
C PRO B 65 11.60 12.61 -17.20
N LEU B 66 10.37 12.77 -16.76
CA LEU B 66 9.55 11.62 -16.41
C LEU B 66 8.76 11.11 -17.60
N ASP B 67 8.58 9.79 -17.63
CA ASP B 67 7.65 9.15 -18.56
C ASP B 67 6.27 8.95 -17.96
N VAL B 68 6.17 8.80 -16.64
CA VAL B 68 4.90 8.76 -15.93
C VAL B 68 5.05 9.66 -14.72
N ILE B 69 4.09 10.54 -14.50
CA ILE B 69 4.01 11.31 -13.27
C ILE B 69 2.72 10.90 -12.55
N CYS B 70 2.79 10.77 -11.23
CA CYS B 70 1.65 10.38 -10.42
C CYS B 70 1.56 11.29 -9.21
N ILE B 71 0.42 11.97 -9.07
CA ILE B 71 0.19 12.89 -7.96
C ILE B 71 -0.78 12.21 -6.98
N PRO B 72 -0.33 11.91 -5.76
CA PRO B 72 -1.25 11.37 -4.74
C PRO B 72 -2.06 12.50 -4.10
N GLY B 73 -2.99 12.09 -3.24
CA GLY B 73 -3.84 13.00 -2.51
C GLY B 73 -3.53 13.03 -1.03
N GLY B 74 -4.51 13.46 -0.26
CA GLY B 74 -4.39 13.55 1.18
C GLY B 74 -4.59 14.96 1.69
N THR B 75 -4.56 15.10 3.02
N THR B 75 -4.51 15.07 3.03
CA THR B 75 -4.83 16.43 3.58
CA THR B 75 -4.71 16.33 3.72
C THR B 75 -3.87 17.47 3.03
C THR B 75 -3.83 17.44 3.19
N GLY B 76 -2.64 17.09 2.70
CA GLY B 76 -1.66 18.05 2.22
C GLY B 76 -1.99 18.70 0.87
N VAL B 77 -3.04 18.26 0.18
N VAL B 77 -3.05 18.25 0.20
CA VAL B 77 -3.29 18.81 -1.14
CA VAL B 77 -3.39 18.76 -1.12
C VAL B 77 -3.71 20.28 -1.09
C VAL B 77 -3.73 20.25 -1.08
N GLY B 78 -4.39 20.70 -0.02
CA GLY B 78 -4.82 22.10 0.03
C GLY B 78 -3.65 23.05 -0.12
N ALA B 79 -2.56 22.80 0.60
CA ALA B 79 -1.37 23.62 0.46
C ALA B 79 -0.77 23.49 -0.93
N LEU B 80 -0.72 22.28 -1.46
CA LEU B 80 -0.08 22.03 -2.73
C LEU B 80 -0.79 22.73 -3.87
N MET B 81 -2.11 22.89 -3.78
CA MET B 81 -2.90 23.58 -4.79
C MET B 81 -2.54 25.05 -4.91
N GLU B 82 -1.80 25.61 -3.96
CA GLU B 82 -1.35 27.00 -4.01
C GLU B 82 0.16 27.08 -3.80
N ASP B 83 0.90 26.07 -4.26
CA ASP B 83 2.35 26.01 -4.20
C ASP B 83 2.87 26.23 -5.62
N PRO B 84 3.26 27.45 -5.97
CA PRO B 84 3.62 27.71 -7.38
C PRO B 84 4.77 26.88 -7.90
N GLN B 85 5.80 26.63 -7.07
CA GLN B 85 6.94 25.84 -7.53
C GLN B 85 6.53 24.41 -7.83
N ALA B 86 5.70 23.81 -6.96
CA ALA B 86 5.24 22.45 -7.20
C ALA B 86 4.36 22.38 -8.44
N LEU B 87 3.43 23.33 -8.60
CA LEU B 87 2.56 23.30 -9.76
C LEU B 87 3.35 23.45 -11.06
N ALA B 88 4.37 24.31 -11.05
CA ALA B 88 5.22 24.50 -12.23
C ALA B 88 5.96 23.22 -12.58
N PHE B 89 6.49 22.53 -11.57
CA PHE B 89 7.14 21.25 -11.81
C PHE B 89 6.18 20.26 -12.45
N ILE B 90 4.96 20.17 -11.91
CA ILE B 90 3.97 19.24 -12.44
C ILE B 90 3.66 19.56 -13.91
N ARG B 91 3.46 20.84 -14.22
CA ARG B 91 3.19 21.23 -15.61
C ARG B 91 4.35 20.86 -16.53
N GLN B 92 5.56 21.16 -16.11
CA GLN B 92 6.74 20.89 -16.94
C GLN B 92 6.87 19.40 -17.21
N GLN B 93 6.68 18.58 -16.17
CA GLN B 93 6.81 17.13 -16.37
C GLN B 93 5.64 16.58 -17.18
N ALA B 94 4.43 17.06 -16.91
CA ALA B 94 3.28 16.58 -17.65
C ALA B 94 3.44 16.82 -19.14
N ALA B 95 4.08 17.93 -19.52
CA ALA B 95 4.13 18.29 -20.94
C ALA B 95 4.87 17.26 -21.77
N ARG B 96 5.76 16.48 -21.16
CA ARG B 96 6.55 15.51 -21.91
C ARG B 96 6.39 14.09 -21.39
N ALA B 97 5.41 13.84 -20.53
CA ALA B 97 5.19 12.52 -19.96
C ALA B 97 4.25 11.71 -20.83
N ARG B 98 4.58 10.43 -21.01
N ARG B 98 4.56 10.43 -20.97
CA ARG B 98 3.67 9.54 -21.71
CA ARG B 98 3.65 9.54 -21.69
C ARG B 98 2.34 9.39 -20.98
C ARG B 98 2.33 9.40 -20.95
N TYR B 99 2.35 9.44 -19.65
N TYR B 99 2.36 9.37 -19.62
CA TYR B 99 1.12 9.30 -18.87
CA TYR B 99 1.15 9.27 -18.81
C TYR B 99 1.15 10.25 -17.69
C TYR B 99 1.17 10.29 -17.69
N VAL B 100 0.03 10.93 -17.46
CA VAL B 100 -0.15 11.88 -16.37
C VAL B 100 -1.25 11.28 -15.51
N THR B 101 -0.98 11.06 -14.22
CA THR B 101 -1.89 10.29 -13.40
C THR B 101 -2.05 10.90 -12.01
N SER B 102 -3.15 10.55 -11.34
CA SER B 102 -3.35 10.96 -9.97
C SER B 102 -4.26 10.00 -9.23
N VAL B 103 -4.15 10.04 -7.90
CA VAL B 103 -4.98 9.24 -7.01
C VAL B 103 -5.67 10.18 -6.03
N CYS B 104 -6.92 9.89 -5.71
N CYS B 104 -6.95 9.91 -5.73
CA CYS B 104 -7.66 10.64 -4.68
CA CYS B 104 -7.72 10.67 -4.76
C CYS B 104 -7.67 12.12 -5.08
C CYS B 104 -7.68 12.15 -5.11
N THR B 105 -7.46 13.03 -4.13
CA THR B 105 -7.47 14.46 -4.42
C THR B 105 -6.20 14.94 -5.11
N GLY B 106 -5.29 14.04 -5.49
CA GLY B 106 -4.22 14.42 -6.41
C GLY B 106 -4.74 15.02 -7.70
N SER B 107 -5.95 14.63 -8.14
CA SER B 107 -6.50 15.22 -9.34
C SER B 107 -6.84 16.70 -9.14
N LEU B 108 -7.15 17.13 -7.91
CA LEU B 108 -7.36 18.55 -7.67
C LEU B 108 -6.06 19.32 -7.86
N VAL B 109 -4.93 18.68 -7.56
CA VAL B 109 -3.63 19.30 -7.83
C VAL B 109 -3.38 19.40 -9.32
N LEU B 110 -3.66 18.32 -10.07
CA LEU B 110 -3.59 18.42 -11.53
C LEU B 110 -4.48 19.54 -12.03
N GLY B 111 -5.66 19.69 -11.45
CA GLY B 111 -6.56 20.77 -11.85
C GLY B 111 -5.96 22.14 -11.55
N ALA B 112 -5.37 22.30 -10.37
CA ALA B 112 -4.74 23.57 -10.00
C ALA B 112 -3.56 23.89 -10.90
N ALA B 113 -2.92 22.85 -11.47
CA ALA B 113 -1.82 23.02 -12.42
C ALA B 113 -2.31 23.29 -13.84
N GLY B 114 -3.62 23.35 -14.04
CA GLY B 114 -4.18 23.65 -15.34
C GLY B 114 -4.24 22.49 -16.29
N LEU B 115 -4.19 21.25 -15.78
CA LEU B 115 -4.06 20.07 -16.63
C LEU B 115 -5.37 19.32 -16.83
N LEU B 116 -6.49 19.83 -16.30
CA LEU B 116 -7.78 19.16 -16.45
C LEU B 116 -8.75 19.91 -17.35
N GLN B 117 -8.30 20.96 -18.04
CA GLN B 117 -9.23 21.77 -18.81
C GLN B 117 -9.88 20.96 -19.93
N GLY B 118 -11.20 20.78 -19.82
CA GLY B 118 -11.92 20.00 -20.81
C GLY B 118 -11.70 18.51 -20.72
N LYS B 119 -11.04 18.02 -19.68
CA LYS B 119 -10.71 16.61 -19.55
C LYS B 119 -11.68 15.90 -18.62
N ARG B 120 -12.03 14.67 -18.99
CA ARG B 120 -12.81 13.80 -18.13
C ARG B 120 -11.92 13.34 -16.98
N ALA B 121 -12.43 13.43 -15.75
CA ALA B 121 -11.62 13.12 -14.59
C ALA B 121 -12.51 12.80 -13.40
N THR B 122 -11.91 12.13 -12.41
CA THR B 122 -12.54 11.85 -11.12
C THR B 122 -11.61 12.27 -9.98
N THR B 123 -12.14 12.17 -8.76
CA THR B 123 -11.39 12.43 -7.54
C THR B 123 -12.13 11.69 -6.41
N HIS B 124 -11.63 11.88 -5.19
CA HIS B 124 -12.30 11.31 -4.02
C HIS B 124 -13.75 11.77 -3.96
N TRP B 125 -14.64 10.84 -3.61
CA TRP B 125 -16.08 11.11 -3.71
C TRP B 125 -16.51 12.34 -2.91
N ALA B 126 -15.88 12.61 -1.77
CA ALA B 126 -16.34 13.70 -0.92
C ALA B 126 -15.99 15.07 -1.47
N TYR B 127 -15.07 15.12 -2.45
N TYR B 127 -15.08 15.13 -2.44
CA TYR B 127 -14.56 16.36 -3.01
CA TYR B 127 -14.61 16.38 -3.01
C TYR B 127 -14.89 16.49 -4.49
C TYR B 127 -14.82 16.43 -4.51
N HIS B 128 -15.75 15.62 -5.02
CA HIS B 128 -15.97 15.52 -6.46
C HIS B 128 -16.51 16.81 -7.05
N GLU B 129 -17.23 17.62 -6.26
CA GLU B 129 -17.76 18.88 -6.76
C GLU B 129 -16.69 19.90 -7.08
N LEU B 130 -15.44 19.66 -6.71
CA LEU B 130 -14.37 20.61 -6.96
C LEU B 130 -13.72 20.42 -8.33
N LEU B 131 -14.12 19.38 -9.08
CA LEU B 131 -13.54 19.15 -10.40
C LEU B 131 -14.04 20.16 -11.43
N ALA B 132 -15.34 20.44 -11.46
CA ALA B 132 -15.88 21.32 -12.49
C ALA B 132 -15.27 22.71 -12.46
N PRO B 133 -15.05 23.36 -11.30
CA PRO B 133 -14.42 24.68 -11.31
C PRO B 133 -13.00 24.67 -11.84
N LEU B 134 -12.33 23.52 -11.85
CA LEU B 134 -10.99 23.40 -12.39
C LEU B 134 -11.01 23.01 -13.88
N GLY B 135 -12.18 23.03 -14.50
CA GLY B 135 -12.32 22.81 -15.93
C GLY B 135 -12.61 21.39 -16.34
N ALA B 136 -12.64 20.45 -15.40
CA ALA B 136 -12.82 19.04 -15.74
C ALA B 136 -14.28 18.75 -16.07
N ILE B 137 -14.47 17.68 -16.83
CA ILE B 137 -15.78 17.06 -17.01
C ILE B 137 -15.86 15.96 -15.96
N PRO B 138 -16.61 16.15 -14.88
CA PRO B 138 -16.58 15.17 -13.80
C PRO B 138 -17.20 13.85 -14.24
N VAL B 139 -16.55 12.76 -13.84
CA VAL B 139 -16.99 11.41 -14.15
C VAL B 139 -16.92 10.58 -12.87
N HIS B 140 -18.00 9.87 -12.55
CA HIS B 140 -18.09 9.07 -11.33
C HIS B 140 -17.80 7.61 -11.67
N GLU B 141 -16.50 7.32 -11.86
CA GLU B 141 -16.04 5.96 -12.10
C GLU B 141 -14.73 5.77 -11.35
N ARG B 142 -14.36 4.51 -11.12
CA ARG B 142 -13.22 4.24 -10.25
C ARG B 142 -11.91 4.74 -10.85
N VAL B 143 -11.72 4.55 -12.16
CA VAL B 143 -10.57 5.06 -12.90
C VAL B 143 -11.11 5.66 -14.19
N VAL B 144 -10.72 6.89 -14.48
CA VAL B 144 -11.18 7.62 -15.65
C VAL B 144 -9.97 7.93 -16.52
N ARG B 145 -10.07 7.58 -17.80
CA ARG B 145 -9.01 7.80 -18.77
C ARG B 145 -9.45 8.81 -19.81
N ASP B 146 -8.60 9.78 -20.10
CA ASP B 146 -8.85 10.75 -21.17
C ASP B 146 -7.52 11.05 -21.83
N GLY B 147 -7.31 10.56 -23.05
CA GLY B 147 -6.00 10.71 -23.66
C GLY B 147 -4.98 9.98 -22.83
N ASN B 148 -3.91 10.68 -22.43
CA ASN B 148 -2.88 10.10 -21.60
C ASN B 148 -3.06 10.40 -20.11
N LEU B 149 -4.26 10.87 -19.71
CA LEU B 149 -4.59 11.18 -18.33
C LEU B 149 -5.35 10.03 -17.71
N LEU B 150 -4.92 9.58 -16.53
CA LEU B 150 -5.65 8.59 -15.74
C LEU B 150 -5.81 9.15 -14.33
N THR B 151 -7.05 9.23 -13.86
CA THR B 151 -7.36 9.67 -12.50
C THR B 151 -8.21 8.60 -11.82
N GLY B 152 -7.97 8.40 -10.54
CA GLY B 152 -8.77 7.45 -9.78
C GLY B 152 -9.06 8.00 -8.40
N GLY B 153 -10.26 7.83 -7.86
CA GLY B 153 -10.58 8.44 -6.58
C GLY B 153 -10.19 7.67 -5.33
N GLY B 154 -10.25 6.35 -5.40
CA GLY B 154 -10.06 5.52 -4.23
C GLY B 154 -8.61 5.39 -3.80
N ILE B 155 -8.42 5.01 -2.54
CA ILE B 155 -7.09 5.08 -1.93
C ILE B 155 -6.10 4.20 -2.65
N THR B 156 -6.55 3.05 -3.18
CA THR B 156 -5.68 2.14 -3.91
C THR B 156 -5.93 2.16 -5.42
N ALA B 157 -6.59 3.19 -5.95
CA ALA B 157 -6.85 3.21 -7.39
C ALA B 157 -5.55 3.17 -8.19
N GLY B 158 -4.46 3.70 -7.63
CA GLY B 158 -3.19 3.66 -8.32
C GLY B 158 -2.64 2.26 -8.47
N ILE B 159 -2.95 1.35 -7.55
CA ILE B 159 -2.54 -0.04 -7.73
C ILE B 159 -3.18 -0.60 -8.99
N ASP B 160 -4.48 -0.37 -9.13
CA ASP B 160 -5.22 -0.88 -10.26
C ASP B 160 -4.74 -0.25 -11.56
N PHE B 161 -4.62 1.09 -11.61
CA PHE B 161 -4.16 1.69 -12.87
C PHE B 161 -2.68 1.46 -13.13
N ALA B 162 -1.88 1.14 -12.12
CA ALA B 162 -0.50 0.74 -12.35
C ALA B 162 -0.43 -0.51 -13.22
N LEU B 163 -1.38 -1.43 -13.04
CA LEU B 163 -1.40 -2.61 -13.89
C LEU B 163 -1.75 -2.25 -15.33
N THR B 164 -2.69 -1.32 -15.53
CA THR B 164 -2.97 -0.82 -16.87
C THR B 164 -1.73 -0.18 -17.49
N LEU B 165 -1.04 0.66 -16.71
CA LEU B 165 0.19 1.26 -17.22
C LEU B 165 1.21 0.21 -17.60
N ALA B 166 1.38 -0.80 -16.76
CA ALA B 166 2.34 -1.86 -17.09
C ALA B 166 1.98 -2.53 -18.41
N ALA B 167 0.69 -2.76 -18.64
CA ALA B 167 0.26 -3.43 -19.85
C ALA B 167 0.54 -2.57 -21.09
N GLU B 168 0.37 -1.26 -20.97
CA GLU B 168 0.60 -0.40 -22.14
C GLU B 168 2.07 -0.06 -22.34
N LEU B 169 2.83 0.11 -21.24
CA LEU B 169 4.25 0.38 -21.36
C LEU B 169 5.01 -0.85 -21.86
N PHE B 170 4.53 -2.05 -21.52
CA PHE B 170 5.22 -3.30 -21.81
C PHE B 170 4.25 -4.13 -22.62
N ASP B 171 3.55 -5.08 -22.01
CA ASP B 171 2.49 -5.82 -22.68
C ASP B 171 1.60 -6.44 -21.61
N ALA B 172 0.48 -7.01 -22.05
CA ALA B 172 -0.48 -7.56 -21.11
C ALA B 172 0.12 -8.68 -20.27
N ALA B 173 0.92 -9.56 -20.90
CA ALA B 173 1.52 -10.65 -20.15
C ALA B 173 2.40 -10.12 -19.03
N THR B 174 3.09 -9.00 -19.26
CA THR B 174 3.94 -8.41 -18.22
C THR B 174 3.10 -7.91 -17.05
N ALA B 175 1.97 -7.25 -17.33
CA ALA B 175 1.06 -6.82 -16.28
C ALA B 175 0.50 -8.00 -15.50
N GLN B 176 0.13 -9.08 -16.21
N GLN B 176 0.11 -9.07 -16.21
CA GLN B 176 -0.39 -10.26 -15.53
CA GLN B 176 -0.43 -10.25 -15.55
C GLN B 176 0.67 -10.90 -14.65
C GLN B 176 0.62 -10.90 -14.65
N ARG B 177 1.92 -10.93 -15.13
N ARG B 177 1.87 -10.97 -15.14
CA ARG B 177 3.00 -11.46 -14.32
CA ARG B 177 2.92 -11.59 -14.35
C ARG B 177 3.21 -10.65 -13.05
C ARG B 177 3.17 -10.83 -13.05
N VAL B 178 3.16 -9.32 -13.14
N VAL B 178 3.15 -9.49 -13.10
CA VAL B 178 3.24 -8.50 -11.92
CA VAL B 178 3.33 -8.72 -11.88
C VAL B 178 2.14 -8.91 -10.95
C VAL B 178 2.15 -8.93 -10.93
N GLN B 179 0.91 -8.98 -11.46
CA GLN B 179 -0.22 -9.26 -10.60
C GLN B 179 -0.06 -10.60 -9.92
N LEU B 180 0.43 -11.61 -10.64
CA LEU B 180 0.61 -12.92 -10.04
C LEU B 180 1.81 -12.96 -9.11
N GLN B 181 2.93 -12.36 -9.51
N GLN B 181 2.93 -12.36 -9.52
CA GLN B 181 4.12 -12.38 -8.66
CA GLN B 181 4.12 -12.36 -8.69
C GLN B 181 3.87 -11.69 -7.34
C GLN B 181 3.85 -11.71 -7.34
N LEU B 182 3.05 -10.64 -7.33
CA LEU B 182 2.70 -9.95 -6.09
C LEU B 182 1.45 -10.53 -5.45
N GLU B 183 0.76 -11.43 -6.16
CA GLU B 183 -0.46 -12.07 -5.68
C GLU B 183 -1.50 -11.01 -5.27
N TYR B 184 -1.72 -10.07 -6.18
CA TYR B 184 -2.66 -8.97 -5.93
C TYR B 184 -4.07 -9.44 -6.32
N ALA B 185 -4.89 -9.69 -5.30
CA ALA B 185 -6.25 -10.21 -5.51
C ALA B 185 -7.12 -9.72 -4.35
N PRO B 186 -7.52 -8.47 -4.38
N PRO B 186 -7.50 -8.45 -4.36
CA PRO B 186 -8.25 -7.89 -3.24
CA PRO B 186 -8.24 -7.89 -3.23
C PRO B 186 -9.63 -8.50 -3.05
C PRO B 186 -9.59 -8.56 -3.04
N ALA B 187 -10.06 -8.54 -1.80
CA ALA B 187 -11.37 -9.07 -1.43
C ALA B 187 -11.82 -8.40 -0.13
N PRO B 188 -12.35 -7.19 -0.21
CA PRO B 188 -12.69 -6.45 1.00
C PRO B 188 -13.77 -7.14 1.80
N PRO B 189 -13.69 -7.11 3.13
CA PRO B 189 -14.72 -7.78 3.96
C PRO B 189 -15.98 -6.97 4.15
N PHE B 190 -16.01 -5.73 3.69
CA PHE B 190 -17.18 -4.86 3.70
C PHE B 190 -17.33 -4.22 2.32
N ASN B 191 -18.51 -3.69 2.06
CA ASN B 191 -18.90 -3.13 0.78
C ASN B 191 -19.26 -1.67 0.93
N ALA B 192 -18.48 -0.94 1.73
CA ALA B 192 -18.74 0.44 2.09
C ALA B 192 -17.75 1.42 1.45
N GLY B 193 -17.12 1.05 0.36
CA GLY B 193 -16.15 1.90 -0.27
C GLY B 193 -16.69 2.97 -1.19
N SER B 194 -18.01 3.10 -1.28
CA SER B 194 -18.66 4.10 -2.10
C SER B 194 -19.86 4.64 -1.34
N PRO B 195 -20.18 5.93 -1.50
CA PRO B 195 -21.41 6.45 -0.88
C PRO B 195 -22.66 5.80 -1.43
N ASP B 196 -22.58 5.12 -2.58
CA ASP B 196 -23.72 4.43 -3.17
C ASP B 196 -23.94 3.03 -2.59
N THR B 197 -22.99 2.49 -1.83
CA THR B 197 -23.13 1.15 -1.27
C THR B 197 -22.96 1.09 0.25
N ALA B 198 -22.36 2.10 0.87
N ALA B 198 -22.36 2.10 0.87
CA ALA B 198 -22.19 2.09 2.31
CA ALA B 198 -22.19 2.09 2.31
C ALA B 198 -23.52 2.29 3.02
C ALA B 198 -23.52 2.29 3.02
N PRO B 199 -23.64 1.85 4.26
CA PRO B 199 -24.85 2.14 5.04
C PRO B 199 -25.12 3.64 5.13
N ALA B 200 -26.40 3.98 5.15
CA ALA B 200 -26.79 5.39 5.16
C ALA B 200 -26.17 6.13 6.33
N SER B 201 -26.15 5.52 7.52
CA SER B 201 -25.60 6.19 8.68
C SER B 201 -24.11 6.49 8.49
N VAL B 202 -23.40 5.58 7.83
CA VAL B 202 -21.98 5.74 7.58
C VAL B 202 -21.74 6.89 6.61
N VAL B 203 -22.54 6.97 5.55
CA VAL B 203 -22.40 8.07 4.60
C VAL B 203 -22.64 9.39 5.28
N GLN B 204 -23.68 9.46 6.11
CA GLN B 204 -24.01 10.69 6.82
C GLN B 204 -22.84 11.15 7.68
N GLN B 205 -22.29 10.23 8.48
N GLN B 205 -22.25 10.23 8.45
CA GLN B 205 -21.14 10.56 9.32
CA GLN B 205 -21.15 10.62 9.32
C GLN B 205 -19.98 11.07 8.48
C GLN B 205 -19.91 11.01 8.54
N ALA B 206 -19.65 10.34 7.41
CA ALA B 206 -18.46 10.70 6.63
C ALA B 206 -18.62 12.06 5.99
N ARG B 207 -19.80 12.36 5.47
CA ARG B 207 -20.02 13.67 4.87
C ARG B 207 -19.92 14.77 5.92
N GLN B 208 -20.52 14.57 7.08
CA GLN B 208 -20.43 15.57 8.15
C GLN B 208 -18.98 15.79 8.56
N ARG B 209 -18.20 14.71 8.65
CA ARG B 209 -16.81 14.83 9.07
C ARG B 209 -15.97 15.58 8.05
N ALA B 210 -16.27 15.44 6.76
CA ALA B 210 -15.50 16.10 5.70
C ALA B 210 -15.94 17.53 5.45
N ALA B 211 -16.99 18.02 6.10
CA ALA B 211 -17.61 19.27 5.69
C ALA B 211 -16.65 20.46 5.81
N ASP B 212 -15.94 20.57 6.93
CA ASP B 212 -15.03 21.70 7.10
C ASP B 212 -13.96 21.70 6.02
N SER B 213 -13.41 20.52 5.73
CA SER B 213 -12.38 20.42 4.70
C SER B 213 -12.92 20.75 3.32
N LEU B 214 -14.13 20.28 3.00
CA LEU B 214 -14.72 20.62 1.71
C LEU B 214 -14.88 22.14 1.58
N HIS B 215 -15.33 22.79 2.66
CA HIS B 215 -15.54 24.23 2.61
C HIS B 215 -14.23 24.97 2.33
N LYS B 216 -13.17 24.61 3.07
CA LYS B 216 -11.88 25.25 2.87
C LYS B 216 -11.33 24.92 1.49
N ARG B 217 -11.43 23.66 1.07
CA ARG B 217 -10.91 23.30 -0.25
C ARG B 217 -11.65 23.98 -1.37
N ARG B 218 -12.94 24.28 -1.19
N ARG B 218 -12.93 24.29 -1.20
CA ARG B 218 -13.64 25.05 -2.21
CA ARG B 218 -13.62 25.06 -2.23
C ARG B 218 -13.04 26.44 -2.34
C ARG B 218 -13.02 26.45 -2.35
N GLU B 219 -12.74 27.10 -1.22
CA GLU B 219 -12.12 28.43 -1.27
C GLU B 219 -10.78 28.37 -1.98
N ILE B 220 -9.96 27.37 -1.65
CA ILE B 220 -8.67 27.18 -2.30
C ILE B 220 -8.86 26.93 -3.80
N THR B 221 -9.81 26.07 -4.15
CA THR B 221 -10.04 25.72 -5.54
C THR B 221 -10.39 26.96 -6.37
N LEU B 222 -11.23 27.84 -5.82
CA LEU B 222 -11.60 29.04 -6.56
C LEU B 222 -10.40 29.95 -6.80
N ARG B 223 -9.51 30.09 -5.81
CA ARG B 223 -8.29 30.88 -6.04
C ARG B 223 -7.41 30.21 -7.08
N ALA B 224 -7.23 28.89 -6.99
CA ALA B 224 -6.41 28.18 -7.97
C ALA B 224 -6.96 28.34 -9.37
N ALA B 225 -8.29 28.28 -9.51
CA ALA B 225 -8.90 28.46 -10.83
C ALA B 225 -8.67 29.87 -11.35
N ALA B 226 -8.77 30.87 -10.47
CA ALA B 226 -8.54 32.25 -10.89
C ALA B 226 -7.13 32.46 -11.42
N ARG B 227 -6.15 31.75 -10.84
CA ARG B 227 -4.78 31.92 -11.29
C ARG B 227 -4.51 31.30 -12.65
N LEU B 228 -5.37 30.40 -13.12
CA LEU B 228 -5.12 29.73 -14.39
C LEU B 228 -5.25 30.74 -15.52
N ALA B 229 -4.27 30.72 -16.42
CA ALA B 229 -4.19 31.72 -17.48
C ALA B 229 -5.44 31.66 -18.33
N ALA B 230 -5.97 32.84 -18.66
CA ALA B 230 -7.14 32.95 -19.52
C ALA B 230 -8.36 32.39 -18.80
CL CL C . -3.82 -8.78 -2.42
CL CL D . -7.99 14.21 0.82
#